data_1ICF
#
_entry.id   1ICF
#
_cell.length_a   62.592
_cell.length_b   80.594
_cell.length_c   64.245
_cell.angle_alpha   90.00
_cell.angle_beta   96.77
_cell.angle_gamma   90.00
#
_symmetry.space_group_name_H-M   'P 1 21 1'
#
loop_
_entity.id
_entity.type
_entity.pdbx_description
1 polymer 'PROTEIN (CATHEPSIN L: HEAVY CHAIN)'
2 polymer 'PROTEIN (CATHEPSIN L: LIGHT CHAIN)'
3 polymer 'PROTEIN (INVARIANT CHAIN)'
4 non-polymer 2-acetamido-2-deoxy-beta-D-glucopyranose
5 water water
#
loop_
_entity_poly.entity_id
_entity_poly.type
_entity_poly.pdbx_seq_one_letter_code
_entity_poly.pdbx_strand_id
1 'polypeptide(L)'
;APRSVDWREKGYVTPVKNQGQCGSCWAFSATGALEGQMFRKTGRLISLSEQNLVDCSGPQGNEGCNGGLMDYAFQYVQDN
GGLDSEESYPYEATEESCKYNPKYSVANDTGFVDIPKQEKALMKAVATVGPISVAIDAGHESFLFYKEGIYFEPDCSSED
MDHGVLVVGYGFEST
;
A,C
2 'polypeptide(L)' NNKYWLVKNSWGEEWGMGGYVKMAKDRRNHCGIASAASYPTV B,D
3 'polypeptide(L)' LTKCQEEVSHIPAVHPGSFRPKCDENGNYLPLQCYGSIGYCWCVFPNGTEVPNTRSRGHHNCSES I,J
#
loop_
_chem_comp.id
_chem_comp.type
_chem_comp.name
_chem_comp.formula
NAG D-saccharide, beta linking 2-acetamido-2-deoxy-beta-D-glucopyranose 'C8 H15 N O6'
#
# COMPACT_ATOMS: atom_id res chain seq x y z
N ALA A 1 -35.59 -8.22 -13.38
CA ALA A 1 -37.07 -8.10 -13.29
C ALA A 1 -37.53 -6.70 -12.90
N PRO A 2 -36.98 -6.13 -11.80
CA PRO A 2 -37.42 -4.79 -11.41
C PRO A 2 -36.99 -3.73 -12.43
N ARG A 3 -37.65 -2.57 -12.40
CA ARG A 3 -37.34 -1.52 -13.36
C ARG A 3 -36.06 -0.80 -13.01
N SER A 4 -35.70 -0.85 -11.73
CA SER A 4 -34.52 -0.17 -11.23
C SER A 4 -33.81 -0.93 -10.12
N VAL A 5 -32.48 -0.94 -10.19
CA VAL A 5 -31.66 -1.62 -9.19
C VAL A 5 -30.43 -0.76 -8.93
N ASP A 6 -30.05 -0.67 -7.66
CA ASP A 6 -28.88 0.09 -7.25
C ASP A 6 -28.32 -0.55 -5.99
N TRP A 7 -27.34 -1.43 -6.17
CA TRP A 7 -26.75 -2.14 -5.05
C TRP A 7 -26.06 -1.28 -4.03
N ARG A 8 -25.79 -0.01 -4.34
CA ARG A 8 -25.14 0.89 -3.38
C ARG A 8 -26.07 1.09 -2.20
N GLU A 9 -27.36 1.12 -2.48
CA GLU A 9 -28.36 1.33 -1.42
C GLU A 9 -28.40 0.19 -0.42
N LYS A 10 -28.09 -1.03 -0.87
CA LYS A 10 -28.11 -2.22 -0.01
C LYS A 10 -26.81 -2.56 0.67
N GLY A 11 -25.85 -1.63 0.59
CA GLY A 11 -24.54 -1.83 1.22
C GLY A 11 -23.58 -2.82 0.59
N TYR A 12 -23.71 -3.04 -0.72
CA TYR A 12 -22.88 -3.99 -1.43
C TYR A 12 -21.60 -3.41 -2.00
N VAL A 13 -21.57 -2.07 -2.08
CA VAL A 13 -20.45 -1.37 -2.71
C VAL A 13 -19.60 -0.48 -1.81
N THR A 14 -18.30 -0.64 -1.93
CA THR A 14 -17.33 0.15 -1.18
C THR A 14 -17.17 1.51 -1.90
N PRO A 15 -16.50 2.50 -1.26
CA PRO A 15 -16.29 3.82 -1.89
C PRO A 15 -15.44 3.71 -3.18
N VAL A 16 -15.52 4.70 -4.04
CA VAL A 16 -14.77 4.71 -5.30
C VAL A 16 -13.24 4.73 -5.03
N LYS A 17 -12.50 3.87 -5.72
CA LYS A 17 -11.05 3.79 -5.55
C LYS A 17 -10.35 4.41 -6.75
N ASN A 18 -9.03 4.49 -6.72
CA ASN A 18 -8.26 5.12 -7.81
C ASN A 18 -7.04 4.26 -8.14
N GLN A 19 -6.99 3.77 -9.37
CA GLN A 19 -5.92 2.87 -9.83
C GLN A 19 -4.62 3.59 -10.18
N GLY A 20 -4.68 4.92 -10.29
CA GLY A 20 -3.51 5.67 -10.64
C GLY A 20 -3.07 5.38 -12.06
N GLN A 21 -1.77 5.43 -12.30
CA GLN A 21 -1.27 5.19 -13.65
C GLN A 21 -0.75 3.78 -13.83
N CYS A 22 -1.55 2.81 -13.43
CA CYS A 22 -1.23 1.40 -13.54
C CYS A 22 -2.46 0.73 -14.21
N GLY A 23 -2.24 -0.09 -15.25
CA GLY A 23 -3.37 -0.75 -15.91
C GLY A 23 -3.89 -1.95 -15.13
N SER A 24 -4.36 -1.66 -13.91
CA SER A 24 -4.86 -2.65 -12.97
C SER A 24 -6.42 -2.60 -12.82
N CYS A 25 -7.11 -1.96 -13.77
CA CYS A 25 -8.57 -1.86 -13.70
C CYS A 25 -9.21 -3.24 -13.59
N TRP A 26 -8.60 -4.25 -14.22
CA TRP A 26 -9.09 -5.60 -14.13
C TRP A 26 -9.14 -6.06 -12.67
N ALA A 27 -8.17 -5.60 -11.86
CA ALA A 27 -8.10 -5.96 -10.42
C ALA A 27 -9.18 -5.21 -9.59
N PHE A 28 -9.43 -3.96 -9.94
CA PHE A 28 -10.44 -3.18 -9.25
C PHE A 28 -11.84 -3.72 -9.55
N SER A 29 -12.03 -4.19 -10.79
CA SER A 29 -13.32 -4.75 -11.22
C SER A 29 -13.57 -6.05 -10.48
N ALA A 30 -12.50 -6.83 -10.28
CA ALA A 30 -12.59 -8.10 -9.58
C ALA A 30 -12.83 -7.94 -8.09
N THR A 31 -12.12 -7.03 -7.43
CA THR A 31 -12.34 -6.88 -6.01
C THR A 31 -13.75 -6.30 -5.82
N GLY A 32 -14.17 -5.47 -6.77
CA GLY A 32 -15.52 -4.91 -6.69
C GLY A 32 -16.62 -5.96 -6.67
N ALA A 33 -16.51 -6.94 -7.57
CA ALA A 33 -17.48 -8.04 -7.68
C ALA A 33 -17.40 -8.95 -6.47
N LEU A 34 -16.19 -9.21 -5.96
CA LEU A 34 -16.00 -10.04 -4.76
C LEU A 34 -16.48 -9.36 -3.44
N GLU A 35 -16.37 -8.04 -3.37
CA GLU A 35 -16.82 -7.31 -2.19
C GLU A 35 -18.34 -7.45 -2.04
N GLY A 36 -19.05 -7.35 -3.17
CA GLY A 36 -20.50 -7.50 -3.18
C GLY A 36 -20.93 -8.93 -2.82
N GLN A 37 -20.26 -9.95 -3.35
CA GLN A 37 -20.62 -11.36 -3.06
C GLN A 37 -20.31 -11.76 -1.63
N MET A 38 -19.18 -11.28 -1.10
CA MET A 38 -18.79 -11.55 0.29
C MET A 38 -19.81 -10.85 1.21
N PHE A 39 -20.21 -9.64 0.86
CA PHE A 39 -21.18 -8.93 1.68
C PHE A 39 -22.51 -9.67 1.69
N ARG A 40 -22.92 -10.16 0.53
CA ARG A 40 -24.17 -10.89 0.41
C ARG A 40 -24.10 -12.17 1.23
N LYS A 41 -22.91 -12.78 1.27
CA LYS A 41 -22.73 -14.02 2.02
C LYS A 41 -22.54 -13.86 3.55
N THR A 42 -21.89 -12.79 3.99
CA THR A 42 -21.64 -12.62 5.41
C THR A 42 -22.32 -11.41 6.04
N GLY A 43 -22.76 -10.47 5.23
CA GLY A 43 -23.38 -9.30 5.82
C GLY A 43 -22.38 -8.23 6.21
N ARG A 44 -21.11 -8.44 5.88
CA ARG A 44 -20.04 -7.50 6.19
C ARG A 44 -19.31 -7.00 4.93
N LEU A 45 -19.22 -5.67 4.78
CA LEU A 45 -18.54 -5.07 3.64
C LEU A 45 -17.10 -4.77 4.03
N ILE A 46 -16.18 -5.45 3.36
CA ILE A 46 -14.75 -5.30 3.61
C ILE A 46 -14.01 -5.08 2.30
N SER A 47 -13.30 -3.95 2.21
CA SER A 47 -12.52 -3.59 1.03
C SER A 47 -11.39 -4.62 0.80
N LEU A 48 -11.31 -5.15 -0.42
CA LEU A 48 -10.33 -6.15 -0.76
C LEU A 48 -9.10 -5.57 -1.45
N SER A 49 -8.00 -6.31 -1.40
CA SER A 49 -6.71 -5.84 -1.93
C SER A 49 -6.45 -6.01 -3.43
N GLU A 50 -6.32 -4.89 -4.13
CA GLU A 50 -6.00 -4.93 -5.55
C GLU A 50 -4.53 -5.26 -5.70
N GLN A 51 -3.70 -4.72 -4.82
CA GLN A 51 -2.24 -4.96 -4.84
C GLN A 51 -1.92 -6.47 -4.70
N ASN A 52 -2.66 -7.16 -3.84
CA ASN A 52 -2.51 -8.62 -3.65
C ASN A 52 -2.67 -9.31 -5.02
N LEU A 53 -3.65 -8.85 -5.82
CA LEU A 53 -3.87 -9.42 -7.15
C LEU A 53 -2.79 -9.00 -8.15
N VAL A 54 -2.42 -7.73 -8.14
CA VAL A 54 -1.39 -7.19 -9.05
C VAL A 54 -0.04 -7.94 -8.86
N ASP A 55 0.34 -8.13 -7.60
CA ASP A 55 1.60 -8.78 -7.28
C ASP A 55 1.61 -10.28 -7.42
N CYS A 56 0.50 -10.93 -7.13
CA CYS A 56 0.49 -12.38 -7.10
C CYS A 56 -0.21 -13.21 -8.18
N SER A 57 -0.94 -12.60 -9.09
CA SER A 57 -1.68 -13.42 -10.02
C SER A 57 -1.08 -13.64 -11.38
N GLY A 58 0.25 -13.61 -11.44
CA GLY A 58 0.97 -13.83 -12.69
C GLY A 58 0.78 -15.27 -13.19
N PRO A 59 0.80 -16.26 -12.31
CA PRO A 59 0.62 -17.63 -12.79
C PRO A 59 -0.79 -17.91 -13.40
N GLN A 60 -1.77 -17.08 -13.05
CA GLN A 60 -3.13 -17.25 -13.57
C GLN A 60 -3.28 -16.55 -14.89
N GLY A 61 -2.23 -15.82 -15.27
CA GLY A 61 -2.23 -15.15 -16.55
C GLY A 61 -2.23 -13.63 -16.51
N ASN A 62 -2.28 -13.04 -15.33
CA ASN A 62 -2.29 -11.58 -15.23
C ASN A 62 -0.92 -10.92 -15.41
N GLU A 63 -0.90 -9.68 -15.84
CA GLU A 63 0.35 -8.99 -16.08
C GLU A 63 0.48 -7.68 -15.33
N GLY A 64 0.10 -7.72 -14.05
CA GLY A 64 0.18 -6.56 -13.21
C GLY A 64 -0.36 -5.28 -13.77
N CYS A 65 0.50 -4.26 -13.93
CA CYS A 65 0.09 -2.95 -14.44
C CYS A 65 -0.01 -2.90 -15.96
N ASN A 66 0.25 -4.02 -16.63
CA ASN A 66 0.15 -4.03 -18.08
C ASN A 66 -1.06 -4.77 -18.61
N GLY A 67 -1.98 -5.12 -17.72
CA GLY A 67 -3.18 -5.80 -18.15
C GLY A 67 -3.48 -7.08 -17.41
N GLY A 68 -4.70 -7.57 -17.60
CA GLY A 68 -5.16 -8.80 -16.97
C GLY A 68 -6.65 -9.02 -17.25
N LEU A 69 -7.22 -10.05 -16.62
CA LEU A 69 -8.62 -10.37 -16.81
C LEU A 69 -9.25 -10.65 -15.47
N MET A 70 -10.51 -10.24 -15.31
CA MET A 70 -11.23 -10.45 -14.06
C MET A 70 -11.35 -11.91 -13.72
N ASP A 71 -11.56 -12.75 -14.73
CA ASP A 71 -11.68 -14.19 -14.50
C ASP A 71 -10.37 -14.82 -13.99
N TYR A 72 -9.23 -14.34 -14.45
CA TYR A 72 -7.95 -14.86 -13.98
C TYR A 72 -7.77 -14.51 -12.52
N ALA A 73 -8.26 -13.32 -12.15
CA ALA A 73 -8.20 -12.83 -10.78
C ALA A 73 -9.09 -13.70 -9.86
N PHE A 74 -10.28 -14.07 -10.36
CA PHE A 74 -11.22 -14.92 -9.61
C PHE A 74 -10.57 -16.29 -9.50
N GLN A 75 -9.89 -16.72 -10.55
CA GLN A 75 -9.21 -18.01 -10.53
C GLN A 75 -8.09 -17.99 -9.47
N TYR A 76 -7.37 -16.88 -9.40
CA TYR A 76 -6.30 -16.75 -8.43
C TYR A 76 -6.80 -16.91 -7.00
N VAL A 77 -7.87 -16.19 -6.64
CA VAL A 77 -8.42 -16.29 -5.29
C VAL A 77 -8.81 -17.72 -4.91
N GLN A 78 -9.31 -18.46 -5.90
CA GLN A 78 -9.70 -19.83 -5.68
C GLN A 78 -8.47 -20.72 -5.50
N ASP A 79 -7.50 -20.58 -6.41
CA ASP A 79 -6.25 -21.36 -6.37
C ASP A 79 -5.45 -21.07 -5.09
N ASN A 80 -5.48 -19.81 -4.68
CA ASN A 80 -4.77 -19.34 -3.51
C ASN A 80 -5.45 -19.63 -2.19
N GLY A 81 -6.77 -19.74 -2.20
CA GLY A 81 -7.50 -20.01 -0.97
C GLY A 81 -7.76 -18.77 -0.14
N GLY A 82 -7.62 -17.59 -0.73
CA GLY A 82 -7.83 -16.36 0.01
C GLY A 82 -7.38 -15.10 -0.71
N LEU A 83 -7.73 -13.94 -0.14
CA LEU A 83 -7.38 -12.64 -0.69
C LEU A 83 -7.35 -11.70 0.51
N ASP A 84 -6.29 -10.94 0.65
CA ASP A 84 -6.15 -10.03 1.78
C ASP A 84 -7.00 -8.80 1.64
N SER A 85 -7.24 -8.13 2.75
CA SER A 85 -8.01 -6.91 2.75
C SER A 85 -7.15 -5.75 2.27
N GLU A 86 -7.77 -4.62 1.92
CA GLU A 86 -7.07 -3.43 1.49
C GLU A 86 -6.14 -2.90 2.59
N GLU A 87 -6.65 -2.82 3.81
CA GLU A 87 -5.93 -2.32 4.97
C GLU A 87 -4.59 -3.06 5.21
N SER A 88 -4.64 -4.38 5.15
CA SER A 88 -3.48 -5.22 5.38
C SER A 88 -2.53 -5.30 4.19
N TYR A 89 -2.99 -4.93 3.00
CA TYR A 89 -2.17 -5.02 1.78
C TYR A 89 -2.52 -3.84 0.87
N PRO A 90 -2.09 -2.62 1.24
CA PRO A 90 -2.34 -1.39 0.51
C PRO A 90 -1.93 -1.38 -0.94
N TYR A 91 -2.61 -0.53 -1.70
CA TYR A 91 -2.39 -0.36 -3.13
C TYR A 91 -1.26 0.65 -3.37
N GLU A 92 -0.26 0.21 -4.13
CA GLU A 92 0.90 1.02 -4.46
C GLU A 92 0.99 1.47 -5.92
N ALA A 93 0.07 0.99 -6.75
CA ALA A 93 0.00 1.38 -8.15
C ALA A 93 1.24 1.00 -8.94
N THR A 94 1.87 -0.08 -8.50
CA THR A 94 3.06 -0.59 -9.14
C THR A 94 3.16 -2.08 -8.79
N GLU A 95 3.83 -2.85 -9.63
CA GLU A 95 3.96 -4.29 -9.39
C GLU A 95 5.14 -4.52 -8.46
N GLU A 96 4.91 -5.24 -7.36
CA GLU A 96 5.95 -5.55 -6.40
C GLU A 96 5.96 -7.03 -6.19
N SER A 97 6.69 -7.47 -5.18
CA SER A 97 6.78 -8.89 -4.88
C SER A 97 5.52 -9.29 -4.12
N CYS A 98 5.09 -10.52 -4.35
CA CYS A 98 3.90 -11.05 -3.71
C CYS A 98 4.09 -11.18 -2.20
N LYS A 99 3.29 -10.43 -1.46
CA LYS A 99 3.36 -10.46 -0.01
C LYS A 99 2.05 -10.94 0.60
N TYR A 100 1.41 -11.93 -0.02
CA TYR A 100 0.16 -12.45 0.49
C TYR A 100 0.34 -13.10 1.83
N ASN A 101 -0.48 -12.69 2.79
CA ASN A 101 -0.43 -13.21 4.15
C ASN A 101 -1.82 -13.82 4.48
N PRO A 102 -1.91 -15.16 4.56
CA PRO A 102 -3.16 -15.85 4.86
C PRO A 102 -3.85 -15.37 6.13
N LYS A 103 -3.05 -14.90 7.06
CA LYS A 103 -3.57 -14.41 8.32
C LYS A 103 -4.58 -13.29 8.12
N TYR A 104 -4.38 -12.47 7.09
CA TYR A 104 -5.25 -11.34 6.80
C TYR A 104 -6.24 -11.58 5.67
N SER A 105 -6.38 -12.84 5.28
CA SER A 105 -7.31 -13.22 4.23
C SER A 105 -8.76 -13.07 4.71
N VAL A 106 -9.53 -12.23 4.02
CA VAL A 106 -10.91 -11.98 4.38
C VAL A 106 -11.91 -12.33 3.28
N ALA A 107 -11.47 -12.98 2.20
CA ALA A 107 -12.39 -13.30 1.11
C ALA A 107 -12.00 -14.63 0.52
N ASN A 108 -12.87 -15.24 -0.26
CA ASN A 108 -12.56 -16.53 -0.82
C ASN A 108 -13.48 -16.86 -1.99
N ASP A 109 -12.97 -17.29 -3.14
CA ASP A 109 -13.93 -17.69 -4.15
C ASP A 109 -13.93 -19.19 -4.46
N THR A 110 -14.92 -19.60 -5.23
CA THR A 110 -15.19 -21.01 -5.53
C THR A 110 -15.17 -21.22 -7.04
N GLY A 111 -15.01 -20.13 -7.76
CA GLY A 111 -15.01 -20.19 -9.19
C GLY A 111 -15.71 -18.93 -9.66
N PHE A 112 -16.17 -18.91 -10.89
CA PHE A 112 -16.84 -17.73 -11.43
C PHE A 112 -17.79 -18.15 -12.54
N VAL A 113 -18.73 -17.29 -12.85
CA VAL A 113 -19.71 -17.59 -13.87
C VAL A 113 -19.58 -16.55 -14.97
N ASP A 114 -19.43 -17.02 -16.20
CA ASP A 114 -19.37 -16.12 -17.33
C ASP A 114 -20.77 -15.89 -17.88
N ILE A 115 -21.18 -14.62 -17.95
CA ILE A 115 -22.50 -14.23 -18.44
C ILE A 115 -22.57 -14.17 -19.98
N PRO A 116 -23.67 -14.66 -20.57
CA PRO A 116 -23.78 -14.62 -22.03
C PRO A 116 -23.70 -13.20 -22.56
N LYS A 117 -23.10 -13.04 -23.72
CA LYS A 117 -22.90 -11.75 -24.33
C LYS A 117 -24.16 -11.08 -24.86
N GLN A 118 -25.10 -10.84 -23.96
CA GLN A 118 -26.35 -10.18 -24.32
C GLN A 118 -26.82 -9.29 -23.17
N GLU A 119 -27.18 -8.05 -23.48
CA GLU A 119 -27.62 -7.13 -22.44
C GLU A 119 -28.79 -7.66 -21.62
N LYS A 120 -29.69 -8.40 -22.25
CA LYS A 120 -30.83 -8.98 -21.52
C LYS A 120 -30.37 -9.95 -20.42
N ALA A 121 -29.27 -10.67 -20.65
CA ALA A 121 -28.77 -11.62 -19.66
C ALA A 121 -28.03 -10.88 -18.56
N LEU A 122 -27.36 -9.80 -18.94
CA LEU A 122 -26.63 -9.00 -17.98
C LEU A 122 -27.59 -8.40 -16.96
N MET A 123 -28.73 -7.86 -17.43
CA MET A 123 -29.73 -7.25 -16.54
C MET A 123 -30.23 -8.26 -15.53
N LYS A 124 -30.44 -9.48 -15.99
CA LYS A 124 -30.93 -10.51 -15.10
C LYS A 124 -29.91 -10.81 -14.02
N ALA A 125 -28.63 -10.89 -14.38
CA ALA A 125 -27.59 -11.18 -13.39
C ALA A 125 -27.44 -10.01 -12.41
N VAL A 126 -27.50 -8.77 -12.90
CA VAL A 126 -27.37 -7.60 -12.03
C VAL A 126 -28.55 -7.54 -11.03
N ALA A 127 -29.75 -7.93 -11.46
CA ALA A 127 -30.91 -7.88 -10.59
C ALA A 127 -30.92 -8.98 -9.54
N THR A 128 -30.34 -10.12 -9.89
CA THR A 128 -30.33 -11.24 -8.96
C THR A 128 -29.02 -11.57 -8.23
N VAL A 129 -27.86 -11.29 -8.82
CA VAL A 129 -26.58 -11.62 -8.18
C VAL A 129 -25.98 -10.50 -7.34
N GLY A 130 -25.86 -9.32 -7.94
CA GLY A 130 -25.26 -8.19 -7.27
C GLY A 130 -24.38 -7.49 -8.28
N PRO A 131 -23.44 -6.65 -7.86
CA PRO A 131 -22.58 -5.95 -8.82
C PRO A 131 -21.88 -6.99 -9.70
N ILE A 132 -21.70 -6.69 -10.98
CA ILE A 132 -21.09 -7.61 -11.95
C ILE A 132 -19.84 -6.97 -12.62
N SER A 133 -18.77 -7.75 -12.79
CA SER A 133 -17.54 -7.28 -13.42
C SER A 133 -17.76 -7.28 -14.91
N VAL A 134 -17.40 -6.18 -15.58
CA VAL A 134 -17.55 -6.06 -17.02
C VAL A 134 -16.35 -5.28 -17.63
N ALA A 135 -16.18 -5.41 -18.95
CA ALA A 135 -15.12 -4.68 -19.63
C ALA A 135 -15.81 -3.86 -20.69
N ILE A 136 -15.37 -2.62 -20.82
CA ILE A 136 -15.89 -1.69 -21.81
C ILE A 136 -14.79 -1.04 -22.65
N ASP A 137 -15.22 -0.35 -23.70
CA ASP A 137 -14.31 0.35 -24.55
C ASP A 137 -14.33 1.77 -23.98
N ALA A 138 -13.29 2.13 -23.22
CA ALA A 138 -13.19 3.47 -22.59
C ALA A 138 -12.14 4.36 -23.21
N GLY A 139 -11.61 3.93 -24.36
CA GLY A 139 -10.57 4.65 -25.05
C GLY A 139 -11.00 5.75 -25.99
N HIS A 140 -11.81 6.66 -25.47
CA HIS A 140 -12.29 7.78 -26.26
C HIS A 140 -12.20 8.99 -25.35
N GLU A 141 -11.94 10.16 -25.93
CA GLU A 141 -11.87 11.41 -25.20
C GLU A 141 -13.19 11.69 -24.50
N SER A 142 -14.31 11.42 -25.17
CA SER A 142 -15.64 11.64 -24.57
C SER A 142 -15.79 10.99 -23.20
N PHE A 143 -15.30 9.76 -23.06
CA PHE A 143 -15.35 9.07 -21.77
C PHE A 143 -14.51 9.79 -20.71
N LEU A 144 -13.40 10.38 -21.14
CA LEU A 144 -12.51 11.13 -20.24
C LEU A 144 -13.16 12.34 -19.56
N PHE A 145 -13.88 13.16 -20.32
CA PHE A 145 -14.48 14.32 -19.70
C PHE A 145 -15.96 14.17 -19.45
N TYR A 146 -16.39 12.94 -19.20
CA TYR A 146 -17.79 12.70 -18.90
C TYR A 146 -18.09 13.34 -17.53
N LYS A 147 -19.24 14.02 -17.40
CA LYS A 147 -19.60 14.65 -16.14
C LYS A 147 -20.94 14.21 -15.62
N GLU A 148 -21.98 14.28 -16.45
CA GLU A 148 -23.32 13.87 -16.06
C GLU A 148 -24.09 13.34 -17.27
N GLY A 149 -25.30 12.83 -17.01
CA GLY A 149 -26.14 12.31 -18.08
C GLY A 149 -25.81 10.88 -18.46
N ILE A 150 -26.43 10.42 -19.54
CA ILE A 150 -26.18 9.09 -20.03
C ILE A 150 -25.11 9.21 -21.10
N TYR A 151 -24.03 8.47 -20.93
CA TYR A 151 -22.92 8.47 -21.85
C TYR A 151 -23.19 7.58 -23.08
N PHE A 152 -23.05 8.16 -24.25
CA PHE A 152 -23.22 7.44 -25.48
C PHE A 152 -22.13 7.94 -26.42
N GLU A 153 -21.33 7.04 -26.96
CA GLU A 153 -20.25 7.41 -27.86
C GLU A 153 -20.44 6.63 -29.15
N PRO A 154 -20.78 7.33 -30.23
CA PRO A 154 -21.01 6.72 -31.55
C PRO A 154 -19.86 5.86 -32.06
N ASP A 155 -18.64 6.19 -31.65
CA ASP A 155 -17.47 5.43 -32.08
C ASP A 155 -17.07 4.30 -31.12
N CYS A 156 -17.93 3.98 -30.16
CA CYS A 156 -17.61 2.92 -29.21
C CYS A 156 -17.68 1.55 -29.86
N SER A 157 -16.82 0.63 -29.44
CA SER A 157 -16.77 -0.71 -30.00
C SER A 157 -17.39 -1.72 -29.06
N SER A 158 -18.05 -2.74 -29.61
CA SER A 158 -18.67 -3.78 -28.80
C SER A 158 -17.76 -4.98 -28.78
N GLU A 159 -16.71 -4.90 -29.58
CA GLU A 159 -15.77 -6.02 -29.71
C GLU A 159 -14.40 -5.83 -29.04
N ASP A 160 -13.92 -4.58 -29.00
CA ASP A 160 -12.65 -4.29 -28.40
C ASP A 160 -12.82 -3.50 -27.09
N MET A 161 -12.49 -4.14 -25.96
CA MET A 161 -12.66 -3.52 -24.66
C MET A 161 -11.31 -3.36 -23.96
N ASP A 162 -11.06 -2.17 -23.40
CA ASP A 162 -9.78 -1.89 -22.78
C ASP A 162 -9.82 -1.46 -21.32
N HIS A 163 -10.97 -1.58 -20.67
CA HIS A 163 -11.08 -1.13 -19.28
C HIS A 163 -12.10 -1.95 -18.51
N GLY A 164 -11.67 -2.57 -17.41
CA GLY A 164 -12.57 -3.35 -16.57
C GLY A 164 -13.25 -2.41 -15.57
N VAL A 165 -14.57 -2.54 -15.39
CA VAL A 165 -15.30 -1.68 -14.48
C VAL A 165 -16.36 -2.54 -13.77
N LEU A 166 -17.22 -1.94 -12.96
CA LEU A 166 -18.21 -2.72 -12.22
C LEU A 166 -19.65 -2.20 -12.41
N VAL A 167 -20.57 -3.08 -12.77
CA VAL A 167 -21.96 -2.65 -12.95
C VAL A 167 -22.63 -2.83 -11.60
N VAL A 168 -23.09 -1.71 -11.01
CA VAL A 168 -23.75 -1.77 -9.71
C VAL A 168 -25.27 -1.60 -9.81
N GLY A 169 -25.79 -1.50 -11.03
CA GLY A 169 -27.22 -1.36 -11.21
C GLY A 169 -27.62 -0.82 -12.55
N TYR A 170 -28.89 -0.41 -12.67
CA TYR A 170 -29.45 0.14 -13.90
C TYR A 170 -30.77 0.85 -13.57
N GLY A 171 -31.30 1.56 -14.55
CA GLY A 171 -32.55 2.28 -14.32
C GLY A 171 -32.93 3.08 -15.54
N PHE A 172 -33.85 4.02 -15.35
CA PHE A 172 -34.31 4.90 -16.42
C PHE A 172 -34.64 6.26 -15.81
N GLU A 173 -34.75 7.29 -16.67
CA GLU A 173 -35.08 8.65 -16.20
C GLU A 173 -36.59 8.95 -16.10
N SER A 174 -36.93 9.89 -15.22
CA SER A 174 -38.30 10.32 -14.93
C SER A 174 -39.23 10.59 -16.12
N THR A 175 -40.53 10.69 -15.82
CA THR A 175 -41.57 10.97 -16.82
C THR A 175 -42.78 11.58 -16.11
N ASN B 1 -29.72 6.78 -24.21
CA ASN B 1 -30.84 7.71 -23.91
C ASN B 1 -31.50 7.29 -22.60
N ASN B 2 -32.83 7.29 -22.56
CA ASN B 2 -33.58 6.94 -21.34
C ASN B 2 -33.05 5.87 -20.36
N LYS B 3 -32.61 4.72 -20.85
CA LYS B 3 -32.13 3.64 -19.99
C LYS B 3 -30.62 3.73 -19.82
N TYR B 4 -30.13 3.30 -18.66
CA TYR B 4 -28.70 3.34 -18.39
C TYR B 4 -28.24 2.25 -17.47
N TRP B 5 -26.95 1.96 -17.52
CA TRP B 5 -26.33 1.01 -16.61
C TRP B 5 -25.58 1.93 -15.61
N LEU B 6 -25.62 1.63 -14.33
CA LEU B 6 -24.90 2.41 -13.33
C LEU B 6 -23.54 1.73 -13.23
N VAL B 7 -22.47 2.44 -13.59
CA VAL B 7 -21.14 1.85 -13.59
C VAL B 7 -20.16 2.53 -12.65
N LYS B 8 -19.43 1.73 -11.86
CA LYS B 8 -18.48 2.27 -10.94
C LYS B 8 -17.10 2.24 -11.60
N ASN B 9 -16.44 3.40 -11.73
CA ASN B 9 -15.11 3.48 -12.34
C ASN B 9 -14.03 3.47 -11.22
N SER B 10 -12.76 3.44 -11.59
CA SER B 10 -11.71 3.41 -10.58
C SER B 10 -10.68 4.53 -10.79
N TRP B 11 -11.18 5.72 -11.11
CA TRP B 11 -10.33 6.89 -11.33
C TRP B 11 -10.55 7.95 -10.25
N GLY B 12 -10.96 7.51 -9.06
CA GLY B 12 -11.23 8.43 -7.97
C GLY B 12 -12.60 9.09 -8.09
N GLU B 13 -13.01 9.76 -7.02
CA GLU B 13 -14.31 10.41 -6.94
C GLU B 13 -14.42 11.71 -7.71
N GLU B 14 -13.29 12.19 -8.24
CA GLU B 14 -13.31 13.46 -8.97
C GLU B 14 -13.85 13.31 -10.39
N TRP B 15 -13.68 12.12 -10.95
CA TRP B 15 -14.15 11.85 -12.30
C TRP B 15 -15.65 11.51 -12.35
N GLY B 16 -16.29 11.92 -13.44
CA GLY B 16 -17.70 11.63 -13.63
C GLY B 16 -18.61 12.11 -12.52
N MET B 17 -19.61 11.30 -12.17
CA MET B 17 -20.55 11.63 -11.11
C MET B 17 -20.09 10.96 -9.85
N GLY B 18 -19.16 11.58 -9.12
CA GLY B 18 -18.67 10.96 -7.90
C GLY B 18 -17.95 9.65 -8.19
N GLY B 19 -17.32 9.56 -9.35
CA GLY B 19 -16.61 8.34 -9.69
C GLY B 19 -17.44 7.34 -10.47
N TYR B 20 -18.72 7.66 -10.71
CA TYR B 20 -19.66 6.79 -11.44
C TYR B 20 -20.06 7.34 -12.79
N VAL B 21 -20.60 6.47 -13.63
CA VAL B 21 -21.04 6.89 -14.94
C VAL B 21 -22.30 6.12 -15.31
N LYS B 22 -23.25 6.81 -15.95
CA LYS B 22 -24.47 6.18 -16.44
C LYS B 22 -24.25 5.87 -17.90
N MET B 23 -24.05 4.59 -18.23
CA MET B 23 -23.81 4.16 -19.60
C MET B 23 -25.11 3.81 -20.31
N ALA B 24 -25.23 4.13 -21.59
CA ALA B 24 -26.44 3.82 -22.36
C ALA B 24 -26.76 2.33 -22.28
N LYS B 25 -28.00 2.02 -21.88
CA LYS B 25 -28.47 0.65 -21.75
C LYS B 25 -29.47 0.34 -22.88
N ASP B 26 -29.44 -0.90 -23.33
CA ASP B 26 -30.30 -1.41 -24.38
C ASP B 26 -30.14 -0.65 -25.70
N ARG B 27 -28.89 -0.28 -25.99
CA ARG B 27 -28.57 0.40 -27.24
C ARG B 27 -27.72 -0.56 -28.08
N ARG B 28 -28.11 -1.82 -28.05
CA ARG B 28 -27.41 -2.85 -28.79
C ARG B 28 -25.94 -3.00 -28.36
N ASN B 29 -25.73 -3.31 -27.08
CA ASN B 29 -24.41 -3.57 -26.52
C ASN B 29 -23.36 -2.44 -26.70
N HIS B 30 -23.78 -1.23 -26.38
CA HIS B 30 -22.95 -0.05 -26.51
C HIS B 30 -21.63 -0.16 -25.70
N CYS B 31 -20.49 0.05 -26.35
CA CYS B 31 -19.16 -0.01 -25.70
C CYS B 31 -18.81 -1.41 -25.17
N GLY B 32 -19.50 -2.44 -25.67
CA GLY B 32 -19.24 -3.81 -25.26
C GLY B 32 -19.53 -4.17 -23.83
N ILE B 33 -20.44 -3.44 -23.18
CA ILE B 33 -20.75 -3.70 -21.78
C ILE B 33 -21.14 -5.12 -21.45
N ALA B 34 -21.81 -5.81 -22.37
CA ALA B 34 -22.22 -7.19 -22.10
C ALA B 34 -21.35 -8.24 -22.78
N SER B 35 -20.24 -7.81 -23.40
CA SER B 35 -19.33 -8.73 -24.10
C SER B 35 -18.40 -9.57 -23.22
N ALA B 36 -18.03 -9.08 -22.04
CA ALA B 36 -17.16 -9.88 -21.17
C ALA B 36 -17.60 -9.68 -19.72
N ALA B 37 -18.86 -10.05 -19.42
CA ALA B 37 -19.42 -9.88 -18.07
C ALA B 37 -19.28 -11.15 -17.25
N SER B 38 -18.91 -11.02 -15.97
CA SER B 38 -18.76 -12.19 -15.09
C SER B 38 -18.78 -11.83 -13.62
N TYR B 39 -18.92 -12.85 -12.80
CA TYR B 39 -18.96 -12.68 -11.36
C TYR B 39 -18.44 -13.93 -10.73
N PRO B 40 -18.02 -13.82 -9.47
CA PRO B 40 -17.48 -14.99 -8.80
C PRO B 40 -18.50 -15.69 -7.95
N THR B 41 -18.27 -16.98 -7.70
CA THR B 41 -19.15 -17.75 -6.85
C THR B 41 -18.46 -17.87 -5.51
N VAL B 42 -19.24 -17.65 -4.47
CA VAL B 42 -18.76 -17.68 -3.12
C VAL B 42 -19.65 -18.57 -2.25
N ALA C 1 36.50 5.05 16.90
CA ALA C 1 37.94 5.16 16.50
C ALA C 1 38.17 4.79 15.03
N PRO C 2 37.65 3.63 14.59
CA PRO C 2 37.87 3.29 13.17
C PRO C 2 36.95 4.08 12.25
N ARG C 3 37.31 4.15 10.97
CA ARG C 3 36.55 4.90 9.99
C ARG C 3 35.30 4.19 9.49
N SER C 4 35.27 2.86 9.64
CA SER C 4 34.12 2.06 9.22
C SER C 4 33.84 0.98 10.23
N VAL C 5 32.56 0.77 10.56
CA VAL C 5 32.15 -0.26 11.51
C VAL C 5 30.86 -0.90 10.99
N ASP C 6 30.87 -2.21 10.83
CA ASP C 6 29.69 -2.94 10.42
C ASP C 6 29.61 -4.24 11.19
N TRP C 7 28.77 -4.27 12.22
CA TRP C 7 28.63 -5.44 13.06
C TRP C 7 28.02 -6.67 12.41
N ARG C 8 27.39 -6.46 11.26
CA ARG C 8 26.82 -7.59 10.53
C ARG C 8 27.95 -8.53 10.07
N GLU C 9 29.14 -7.97 9.81
CA GLU C 9 30.30 -8.77 9.37
C GLU C 9 30.85 -9.66 10.48
N LYS C 10 30.65 -9.25 11.72
CA LYS C 10 31.14 -10.01 12.86
C LYS C 10 30.08 -11.00 13.41
N GLY C 11 28.92 -11.10 12.75
CA GLY C 11 27.86 -12.00 13.19
C GLY C 11 27.05 -11.61 14.43
N TYR C 12 26.92 -10.30 14.67
CA TYR C 12 26.17 -9.75 15.81
C TYR C 12 24.70 -9.49 15.51
N VAL C 13 24.36 -9.49 14.22
CA VAL C 13 23.03 -9.14 13.78
C VAL C 13 22.21 -10.24 13.12
N THR C 14 20.97 -10.38 13.56
CA THR C 14 20.03 -11.35 12.99
C THR C 14 19.48 -10.78 11.67
N PRO C 15 18.78 -11.60 10.86
CA PRO C 15 18.23 -11.11 9.59
C PRO C 15 17.12 -10.08 9.84
N VAL C 16 16.79 -9.31 8.81
CA VAL C 16 15.76 -8.30 8.94
C VAL C 16 14.39 -8.91 9.26
N LYS C 17 13.69 -8.32 10.22
CA LYS C 17 12.36 -8.77 10.65
C LYS C 17 11.29 -7.79 10.13
N ASN C 18 10.02 -8.09 10.40
CA ASN C 18 8.94 -7.24 9.92
C ASN C 18 7.88 -7.10 11.00
N GLN C 19 7.72 -5.88 11.51
CA GLN C 19 6.76 -5.59 12.56
C GLN C 19 5.29 -5.57 12.09
N GLY C 20 5.06 -5.55 10.77
CA GLY C 20 3.70 -5.51 10.25
C GLY C 20 3.07 -4.19 10.62
N GLN C 21 1.76 -4.17 10.83
CA GLN C 21 1.04 -2.95 11.17
C GLN C 21 0.75 -2.82 12.66
N CYS C 22 1.80 -2.97 13.47
CA CYS C 22 1.71 -2.91 14.92
C CYS C 22 2.84 -1.98 15.32
N GLY C 23 2.57 -0.98 16.17
CA GLY C 23 3.62 -0.05 16.57
C GLY C 23 4.54 -0.67 17.61
N SER C 24 5.24 -1.73 17.22
CA SER C 24 6.11 -2.43 18.14
C SER C 24 7.62 -2.32 17.76
N CYS C 25 7.95 -1.29 16.98
CA CYS C 25 9.34 -1.04 16.57
C CYS C 25 10.27 -0.96 17.78
N TRP C 26 9.76 -0.43 18.88
CA TRP C 26 10.53 -0.34 20.12
C TRP C 26 11.00 -1.72 20.60
N ALA C 27 10.15 -2.73 20.40
CA ALA C 27 10.47 -4.10 20.80
C ALA C 27 11.51 -4.70 19.85
N PHE C 28 11.44 -4.36 18.57
CA PHE C 28 12.43 -4.86 17.62
C PHE C 28 13.79 -4.19 17.87
N SER C 29 13.77 -2.91 18.21
CA SER C 29 15.00 -2.20 18.47
C SER C 29 15.65 -2.83 19.71
N ALA C 30 14.86 -3.14 20.72
CA ALA C 30 15.41 -3.72 21.93
C ALA C 30 15.96 -5.12 21.75
N THR C 31 15.23 -5.98 21.04
CA THR C 31 15.72 -7.34 20.84
C THR C 31 16.99 -7.27 20.02
N GLY C 32 17.02 -6.35 19.06
CA GLY C 32 18.22 -6.19 18.23
C GLY C 32 19.46 -5.86 19.06
N ALA C 33 19.34 -4.91 19.99
CA ALA C 33 20.47 -4.53 20.84
C ALA C 33 20.86 -5.71 21.74
N LEU C 34 19.85 -6.36 22.34
CA LEU C 34 20.09 -7.53 23.20
C LEU C 34 20.71 -8.71 22.43
N GLU C 35 20.29 -8.95 21.18
CA GLU C 35 20.86 -10.02 20.35
C GLU C 35 22.36 -9.82 20.19
N GLY C 36 22.78 -8.59 19.88
CA GLY C 36 24.19 -8.30 19.71
C GLY C 36 25.00 -8.49 20.99
N GLN C 37 24.46 -8.06 22.13
CA GLN C 37 25.17 -8.18 23.40
C GLN C 37 25.27 -9.61 23.87
N MET C 38 24.21 -10.39 23.68
CA MET C 38 24.22 -11.81 24.07
C MET C 38 25.26 -12.53 23.24
N PHE C 39 25.39 -12.14 21.97
CA PHE C 39 26.33 -12.75 21.07
C PHE C 39 27.74 -12.37 21.51
N ARG C 40 27.91 -11.13 21.95
CA ARG C 40 29.22 -10.69 22.39
C ARG C 40 29.65 -11.51 23.61
N LYS C 41 28.69 -11.83 24.46
CA LYS C 41 28.95 -12.57 25.68
C LYS C 41 29.03 -14.09 25.55
N THR C 42 28.21 -14.69 24.68
CA THR C 42 28.17 -16.14 24.53
C THR C 42 28.70 -16.70 23.21
N GLY C 43 28.90 -15.83 22.23
CA GLY C 43 29.39 -16.27 20.94
C GLY C 43 28.28 -16.96 20.14
N ARG C 44 27.04 -16.93 20.63
CA ARG C 44 25.90 -17.55 19.93
C ARG C 44 24.81 -16.54 19.57
N LEU C 45 24.45 -16.47 18.29
CA LEU C 45 23.40 -15.56 17.85
C LEU C 45 22.03 -16.26 17.90
N ILE C 46 21.14 -15.74 18.74
CA ILE C 46 19.82 -16.31 18.86
C ILE C 46 18.79 -15.20 18.80
N SER C 47 17.89 -15.32 17.80
CA SER C 47 16.83 -14.36 17.60
C SER C 47 15.90 -14.34 18.81
N LEU C 48 15.65 -13.16 19.37
CA LEU C 48 14.82 -13.03 20.56
C LEU C 48 13.39 -12.70 20.22
N SER C 49 12.50 -12.88 21.20
CA SER C 49 11.06 -12.67 21.01
C SER C 49 10.52 -11.26 21.24
N GLU C 50 10.02 -10.62 20.17
CA GLU C 50 9.41 -9.29 20.27
C GLU C 50 8.00 -9.45 20.85
N GLN C 51 7.33 -10.55 20.52
CA GLN C 51 5.98 -10.79 21.03
C GLN C 51 6.00 -10.88 22.54
N ASN C 52 7.02 -11.55 23.08
CA ASN C 52 7.20 -11.70 24.53
C ASN C 52 7.22 -10.31 25.18
N LEU C 53 7.86 -9.34 24.54
CA LEU C 53 7.91 -7.98 25.06
C LEU C 53 6.59 -7.27 24.85
N VAL C 54 5.98 -7.47 23.69
CA VAL C 54 4.71 -6.82 23.39
C VAL C 54 3.64 -7.25 24.42
N ASP C 55 3.58 -8.55 24.70
CA ASP C 55 2.59 -9.11 25.63
C ASP C 55 2.85 -8.92 27.12
N CYS C 56 4.12 -8.91 27.53
CA CYS C 56 4.45 -8.86 28.94
C CYS C 56 5.08 -7.63 29.62
N SER C 57 5.48 -6.60 28.86
CA SER C 57 6.15 -5.44 29.46
C SER C 57 5.29 -4.25 29.79
N GLY C 58 3.98 -4.46 29.94
CA GLY C 58 3.09 -3.37 30.29
C GLY C 58 3.38 -2.74 31.66
N PRO C 59 3.74 -3.54 32.68
CA PRO C 59 4.03 -2.98 34.00
C PRO C 59 5.26 -2.05 33.94
N GLN C 60 6.13 -2.28 32.96
CA GLN C 60 7.32 -1.45 32.84
C GLN C 60 7.01 -0.16 32.11
N GLY C 61 5.79 -0.05 31.60
CA GLY C 61 5.38 1.15 30.90
C GLY C 61 5.12 1.01 29.40
N ASN C 62 5.32 -0.16 28.84
CA ASN C 62 5.07 -0.36 27.42
C ASN C 62 3.59 -0.55 27.11
N GLU C 63 3.18 -0.15 25.91
CA GLU C 63 1.80 -0.24 25.46
C GLU C 63 1.63 -1.06 24.19
N GLY C 64 2.30 -2.21 24.15
CA GLY C 64 2.17 -3.12 23.02
C GLY C 64 2.29 -2.54 21.63
N CYS C 65 1.23 -2.63 20.84
CA CYS C 65 1.23 -2.12 19.47
C CYS C 65 0.96 -0.61 19.41
N ASN C 66 0.77 0.02 20.56
CA ASN C 66 0.51 1.44 20.58
C ASN C 66 1.72 2.23 21.05
N GLY C 67 2.87 1.56 21.14
CA GLY C 67 4.08 2.28 21.55
C GLY C 67 4.77 1.74 22.78
N GLY C 68 6.00 2.21 23.00
CA GLY C 68 6.78 1.78 24.15
C GLY C 68 8.19 2.36 24.04
N LEU C 69 9.09 1.98 24.95
CA LEU C 69 10.47 2.47 24.96
C LEU C 69 11.43 1.29 25.09
N MET C 70 12.57 1.39 24.42
CA MET C 70 13.58 0.34 24.45
C MET C 70 14.09 0.16 25.87
N ASP C 71 14.22 1.27 26.63
CA ASP C 71 14.68 1.16 28.02
C ASP C 71 13.70 0.39 28.93
N TYR C 72 12.40 0.54 28.67
CA TYR C 72 11.35 -0.16 29.43
C TYR C 72 11.43 -1.64 29.13
N ALA C 73 11.75 -1.96 27.88
CA ALA C 73 11.93 -3.35 27.47
C ALA C 73 13.17 -3.96 28.12
N PHE C 74 14.26 -3.17 28.23
CA PHE C 74 15.49 -3.66 28.87
C PHE C 74 15.20 -3.83 30.36
N GLN C 75 14.39 -2.93 30.91
CA GLN C 75 14.04 -2.99 32.32
C GLN C 75 13.24 -4.27 32.58
N TYR C 76 12.27 -4.58 31.70
CA TYR C 76 11.44 -5.77 31.81
C TYR C 76 12.28 -7.03 31.80
N VAL C 77 13.24 -7.13 30.87
CA VAL C 77 14.06 -8.33 30.81
C VAL C 77 14.81 -8.59 32.15
N GLN C 78 15.18 -7.51 32.83
CA GLN C 78 15.90 -7.62 34.08
C GLN C 78 14.97 -8.00 35.22
N ASP C 79 13.80 -7.36 35.23
CA ASP C 79 12.77 -7.60 36.25
C ASP C 79 12.20 -9.01 36.14
N ASN C 80 12.09 -9.49 34.91
CA ASN C 80 11.53 -10.79 34.61
C ASN C 80 12.57 -11.91 34.73
N GLY C 81 13.86 -11.54 34.70
CA GLY C 81 14.89 -12.55 34.80
C GLY C 81 15.07 -13.38 33.55
N GLY C 82 14.56 -12.90 32.41
CA GLY C 82 14.71 -13.63 31.15
C GLY C 82 13.85 -13.13 29.98
N LEU C 83 14.12 -13.68 28.80
CA LEU C 83 13.38 -13.35 27.58
C LEU C 83 13.42 -14.58 26.69
N ASP C 84 12.27 -15.01 26.16
CA ASP C 84 12.22 -16.20 25.31
C ASP C 84 12.76 -15.88 23.95
N SER C 85 13.08 -16.93 23.20
CA SER C 85 13.56 -16.83 21.83
C SER C 85 12.38 -16.60 20.86
N GLU C 86 12.66 -16.24 19.61
CA GLU C 86 11.62 -16.04 18.61
C GLU C 86 10.90 -17.35 18.35
N GLU C 87 11.69 -18.40 18.15
CA GLU C 87 11.20 -19.74 17.88
C GLU C 87 10.17 -20.23 18.88
N SER C 88 10.42 -19.97 20.16
CA SER C 88 9.54 -20.39 21.23
C SER C 88 8.38 -19.44 21.53
N TYR C 89 8.43 -18.24 20.96
CA TYR C 89 7.37 -17.27 21.21
C TYR C 89 7.34 -16.37 19.97
N PRO C 90 6.76 -16.86 18.86
CA PRO C 90 6.64 -16.17 17.56
C PRO C 90 5.84 -14.88 17.58
N TYR C 91 6.17 -14.02 16.62
CA TYR C 91 5.57 -12.72 16.50
C TYR C 91 4.20 -12.77 15.79
N GLU C 92 3.18 -12.19 16.41
CA GLU C 92 1.83 -12.19 15.88
C GLU C 92 1.32 -10.83 15.39
N ALA C 93 2.09 -9.77 15.64
CA ALA C 93 1.76 -8.39 15.25
C ALA C 93 0.51 -7.89 15.92
N THR C 94 0.22 -8.44 17.08
CA THR C 94 -0.94 -8.04 17.84
C THR C 94 -0.69 -8.31 19.33
N GLU C 95 -1.38 -7.59 20.20
CA GLU C 95 -1.21 -7.75 21.62
C GLU C 95 -2.05 -8.92 22.14
N GLU C 96 -1.40 -9.86 22.82
CA GLU C 96 -2.10 -11.00 23.36
C GLU C 96 -1.80 -11.10 24.85
N SER C 97 -2.12 -12.26 25.42
CA SER C 97 -1.88 -12.49 26.83
C SER C 97 -0.44 -12.93 26.97
N CYS C 98 0.19 -12.47 28.03
CA CYS C 98 1.57 -12.84 28.27
C CYS C 98 1.75 -14.35 28.46
N LYS C 99 2.52 -14.98 27.57
CA LYS C 99 2.78 -16.42 27.63
C LYS C 99 4.28 -16.73 27.82
N TYR C 100 4.97 -15.92 28.62
CA TYR C 100 6.40 -16.13 28.88
C TYR C 100 6.65 -17.47 29.55
N ASN C 101 7.56 -18.25 28.98
CA ASN C 101 7.92 -19.53 29.55
C ASN C 101 9.42 -19.53 29.86
N PRO C 102 9.79 -19.50 31.16
CA PRO C 102 11.20 -19.48 31.59
C PRO C 102 12.04 -20.61 31.03
N LYS C 103 11.35 -21.69 30.69
CA LYS C 103 12.01 -22.85 30.14
C LYS C 103 12.68 -22.52 28.83
N TYR C 104 12.13 -21.55 28.09
CA TYR C 104 12.71 -21.19 26.79
C TYR C 104 13.48 -19.87 26.79
N SER C 105 13.75 -19.34 27.98
CA SER C 105 14.50 -18.10 28.13
C SER C 105 15.95 -18.31 27.68
N VAL C 106 16.39 -17.48 26.75
CA VAL C 106 17.74 -17.56 26.21
C VAL C 106 18.54 -16.24 26.34
N ALA C 107 17.98 -15.27 27.05
CA ALA C 107 18.65 -13.97 27.19
C ALA C 107 18.38 -13.42 28.57
N ASN C 108 19.23 -12.50 29.00
CA ASN C 108 19.11 -11.88 30.31
C ASN C 108 19.80 -10.52 30.26
N ASP C 109 19.27 -9.50 30.92
CA ASP C 109 20.00 -8.23 30.95
C ASP C 109 20.16 -7.73 32.38
N THR C 110 21.25 -7.03 32.61
CA THR C 110 21.62 -6.47 33.91
C THR C 110 21.22 -4.99 34.10
N GLY C 111 20.63 -4.39 33.06
CA GLY C 111 20.25 -2.99 33.13
C GLY C 111 20.52 -2.42 31.78
N PHE C 112 20.70 -1.11 31.69
CA PHE C 112 20.96 -0.47 30.42
C PHE C 112 21.73 0.83 30.62
N VAL C 113 22.31 1.33 29.54
CA VAL C 113 23.08 2.58 29.63
C VAL C 113 22.60 3.54 28.58
N ASP C 114 22.22 4.74 29.00
CA ASP C 114 21.79 5.76 28.08
C ASP C 114 23.00 6.58 27.66
N ILE C 115 23.11 6.79 26.36
CA ILE C 115 24.20 7.53 25.76
C ILE C 115 23.88 9.02 25.69
N PRO C 116 24.89 9.89 25.90
CA PRO C 116 24.66 11.34 25.84
C PRO C 116 24.13 11.68 24.42
N LYS C 117 23.39 12.77 24.30
CA LYS C 117 22.80 13.20 23.04
C LYS C 117 23.78 13.89 22.07
N GLN C 118 24.81 13.16 21.64
CA GLN C 118 25.79 13.68 20.69
C GLN C 118 26.17 12.52 19.78
N GLU C 119 26.34 12.80 18.50
CA GLU C 119 26.71 11.77 17.54
C GLU C 119 28.12 11.23 17.83
N LYS C 120 28.92 12.05 18.49
CA LYS C 120 30.29 11.69 18.85
C LYS C 120 30.25 10.53 19.85
N ALA C 121 29.43 10.69 20.88
CA ALA C 121 29.28 9.67 21.90
C ALA C 121 28.59 8.44 21.29
N LEU C 122 27.65 8.63 20.36
CA LEU C 122 26.98 7.50 19.71
C LEU C 122 28.03 6.69 18.90
N MET C 123 28.90 7.40 18.20
CA MET C 123 29.94 6.76 17.40
C MET C 123 30.87 5.88 18.25
N LYS C 124 31.27 6.40 19.41
CA LYS C 124 32.15 5.65 20.28
C LYS C 124 31.46 4.39 20.77
N ALA C 125 30.18 4.52 21.12
CA ALA C 125 29.40 3.38 21.61
C ALA C 125 29.27 2.33 20.51
N VAL C 126 28.95 2.73 19.30
CA VAL C 126 28.80 1.80 18.18
C VAL C 126 30.14 1.09 17.87
N ALA C 127 31.23 1.83 17.94
CA ALA C 127 32.55 1.26 17.68
C ALA C 127 33.03 0.31 18.78
N THR C 128 32.54 0.47 20.01
CA THR C 128 33.03 -0.37 21.10
C THR C 128 32.05 -1.36 21.75
N VAL C 129 30.77 -1.06 21.74
CA VAL C 129 29.78 -1.90 22.38
C VAL C 129 29.15 -2.88 21.44
N GLY C 130 28.69 -2.39 20.29
CA GLY C 130 28.02 -3.23 19.32
C GLY C 130 26.77 -2.48 18.83
N PRO C 131 25.78 -3.15 18.22
CA PRO C 131 24.58 -2.47 17.73
C PRO C 131 23.93 -1.67 18.87
N ILE C 132 23.47 -0.47 18.56
CA ILE C 132 22.86 0.39 19.57
C ILE C 132 21.40 0.73 19.24
N SER C 133 20.50 0.65 20.21
CA SER C 133 19.09 1.01 20.00
C SER C 133 18.95 2.52 19.96
N VAL C 134 18.24 3.05 18.97
CA VAL C 134 18.03 4.51 18.83
C VAL C 134 16.60 4.78 18.33
N ALA C 135 16.13 6.01 18.47
CA ALA C 135 14.79 6.36 17.96
C ALA C 135 14.98 7.53 17.00
N ILE C 136 14.34 7.43 15.84
CA ILE C 136 14.44 8.47 14.83
C ILE C 136 13.08 9.02 14.42
N ASP C 137 13.12 10.11 13.69
CA ASP C 137 11.90 10.70 13.16
C ASP C 137 11.75 10.07 11.77
N ALA C 138 10.87 9.06 11.65
CA ALA C 138 10.60 8.35 10.37
C ALA C 138 9.28 8.75 9.69
N GLY C 139 8.57 9.72 10.28
CA GLY C 139 7.27 10.12 9.76
C GLY C 139 7.30 11.08 8.59
N HIS C 140 7.98 10.71 7.51
CA HIS C 140 8.05 11.54 6.31
C HIS C 140 7.95 10.57 5.13
N GLU C 141 7.28 11.00 4.05
CA GLU C 141 7.14 10.16 2.85
C GLU C 141 8.49 9.73 2.28
N SER C 142 9.47 10.64 2.32
CA SER C 142 10.82 10.35 1.81
C SER C 142 11.46 9.12 2.46
N PHE C 143 11.19 8.88 3.75
CA PHE C 143 11.76 7.72 4.40
C PHE C 143 11.04 6.46 3.89
N LEU C 144 9.74 6.63 3.59
CA LEU C 144 8.88 5.55 3.11
C LEU C 144 9.37 4.98 1.80
N PHE C 145 9.69 5.83 0.85
CA PHE C 145 10.18 5.31 -0.41
C PHE C 145 11.67 5.32 -0.61
N TYR C 146 12.43 5.30 0.49
CA TYR C 146 13.89 5.28 0.40
C TYR C 146 14.34 3.99 -0.29
N LYS C 147 15.28 4.10 -1.21
CA LYS C 147 15.79 2.94 -1.91
C LYS C 147 17.29 2.78 -1.72
N GLU C 148 18.05 3.85 -1.88
CA GLU C 148 19.50 3.76 -1.74
C GLU C 148 20.17 5.12 -1.49
N GLY C 149 21.48 5.09 -1.29
CA GLY C 149 22.21 6.32 -1.04
C GLY C 149 22.06 6.74 0.39
N ILE C 150 22.52 7.94 0.70
CA ILE C 150 22.43 8.46 2.05
C ILE C 150 21.16 9.30 2.21
N TYR C 151 20.34 8.89 3.16
CA TYR C 151 19.08 9.56 3.43
C TYR C 151 19.25 10.85 4.24
N PHE C 152 18.69 11.92 3.69
CA PHE C 152 18.69 13.22 4.32
C PHE C 152 17.30 13.86 4.05
N GLU C 153 16.61 14.29 5.10
CA GLU C 153 15.29 14.88 5.01
C GLU C 153 15.35 16.23 5.70
N PRO C 154 15.32 17.33 4.92
CA PRO C 154 15.37 18.69 5.46
C PRO C 154 14.36 18.98 6.54
N ASP C 155 13.22 18.30 6.50
CA ASP C 155 12.17 18.51 7.48
C ASP C 155 12.22 17.57 8.67
N CYS C 156 13.32 16.82 8.78
CA CYS C 156 13.46 15.89 9.90
C CYS C 156 13.66 16.60 11.22
N SER C 157 13.11 16.01 12.27
CA SER C 157 13.20 16.58 13.60
C SER C 157 14.26 15.86 14.43
N SER C 158 14.93 16.60 15.29
CA SER C 158 15.95 16.06 16.20
C SER C 158 15.35 15.90 17.60
N GLU C 159 14.12 16.36 17.77
CA GLU C 159 13.45 16.33 19.06
C GLU C 159 12.24 15.40 19.16
N ASP C 160 11.54 15.17 18.06
CA ASP C 160 10.40 14.28 18.07
C ASP C 160 10.75 13.01 17.28
N MET C 161 10.73 11.88 17.95
CA MET C 161 11.07 10.65 17.30
C MET C 161 9.89 9.69 17.43
N ASP C 162 9.55 9.02 16.34
CA ASP C 162 8.39 8.12 16.35
C ASP C 162 8.70 6.69 15.93
N HIS C 163 9.98 6.32 15.79
CA HIS C 163 10.33 4.97 15.33
C HIS C 163 11.63 4.45 15.94
N GLY C 164 11.53 3.32 16.64
CA GLY C 164 12.72 2.72 17.23
C GLY C 164 13.42 1.83 16.21
N VAL C 165 14.75 1.99 16.07
CA VAL C 165 15.52 1.23 15.11
C VAL C 165 16.85 0.78 15.74
N LEU C 166 17.76 0.24 14.93
CA LEU C 166 19.04 -0.26 15.42
C LEU C 166 20.24 0.21 14.59
N VAL C 167 21.22 0.85 15.23
CA VAL C 167 22.42 1.30 14.52
C VAL C 167 23.43 0.16 14.56
N VAL C 168 23.74 -0.41 13.40
CA VAL C 168 24.67 -1.55 13.32
C VAL C 168 26.07 -1.16 12.85
N GLY C 169 26.25 0.12 12.53
CA GLY C 169 27.53 0.62 12.10
C GLY C 169 27.48 2.02 11.52
N TYR C 170 28.56 2.39 10.84
CA TYR C 170 28.69 3.69 10.20
C TYR C 170 29.84 3.61 9.22
N GLY C 171 29.98 4.61 8.37
CA GLY C 171 31.07 4.57 7.43
C GLY C 171 31.09 5.77 6.53
N PHE C 172 31.82 5.67 5.42
CA PHE C 172 31.95 6.74 4.43
C PHE C 172 31.63 6.11 3.09
N GLU C 173 31.10 6.89 2.15
CA GLU C 173 30.76 6.39 0.83
C GLU C 173 31.95 6.23 -0.10
N SER C 174 32.16 5.00 -0.55
CA SER C 174 33.26 4.69 -1.45
C SER C 174 32.75 4.19 -2.79
N THR C 175 31.46 4.41 -3.06
CA THR C 175 30.82 3.99 -4.29
C THR C 175 31.44 4.65 -5.52
N ASN D 1 25.31 12.37 3.30
CA ASN D 1 26.57 12.89 2.71
C ASN D 1 27.55 11.72 2.70
N ASN D 2 28.84 11.98 2.55
CA ASN D 2 29.85 10.92 2.55
C ASN D 2 29.68 9.96 3.72
N LYS D 3 29.50 10.55 4.90
CA LYS D 3 29.32 9.77 6.13
C LYS D 3 27.84 9.39 6.36
N TYR D 4 27.63 8.22 6.95
CA TYR D 4 26.30 7.74 7.23
C TYR D 4 26.35 6.80 8.40
N TRP D 5 25.17 6.56 8.97
CA TRP D 5 24.98 5.60 10.04
C TRP D 5 24.31 4.41 9.30
N LEU D 6 24.68 3.18 9.64
CA LEU D 6 24.09 2.00 9.01
C LEU D 6 22.98 1.62 9.95
N VAL D 7 21.72 1.74 9.49
CA VAL D 7 20.57 1.45 10.33
C VAL D 7 19.70 0.27 9.91
N LYS D 8 19.39 -0.60 10.84
CA LYS D 8 18.56 -1.78 10.57
C LYS D 8 17.09 -1.46 10.85
N ASN D 9 16.23 -1.53 9.84
CA ASN D 9 14.80 -1.24 10.04
C ASN D 9 14.06 -2.58 10.28
N SER D 10 12.76 -2.52 10.58
CA SER D 10 11.98 -3.71 10.83
C SER D 10 10.71 -3.77 9.96
N TRP D 11 10.88 -3.49 8.66
CA TRP D 11 9.79 -3.50 7.69
C TRP D 11 10.04 -4.51 6.59
N GLY D 12 10.77 -5.55 6.94
CA GLY D 12 11.07 -6.59 5.98
C GLY D 12 12.22 -6.23 5.06
N GLU D 13 12.73 -7.25 4.37
CA GLU D 13 13.87 -7.10 3.47
C GLU D 13 13.57 -6.39 2.15
N GLU D 14 12.30 -6.16 1.87
CA GLU D 14 11.92 -5.51 0.61
C GLU D 14 12.12 -4.00 0.64
N TRP D 15 11.98 -3.39 1.83
CA TRP D 15 12.15 -1.95 1.99
C TRP D 15 13.62 -1.51 1.99
N GLY D 16 13.90 -0.31 1.49
CA GLY D 16 15.25 0.21 1.49
C GLY D 16 16.28 -0.68 0.85
N MET D 17 17.46 -0.77 1.46
CA MET D 17 18.55 -1.60 0.95
C MET D 17 18.56 -2.93 1.67
N GLY D 18 17.73 -3.86 1.26
CA GLY D 18 17.74 -5.14 1.96
C GLY D 18 17.27 -4.96 3.39
N GLY D 19 16.41 -3.96 3.61
CA GLY D 19 15.89 -3.73 4.94
C GLY D 19 16.66 -2.71 5.73
N TYR D 20 17.78 -2.24 5.18
CA TYR D 20 18.66 -1.27 5.83
C TYR D 20 18.60 0.10 5.19
N VAL D 21 19.09 1.09 5.93
CA VAL D 21 19.15 2.46 5.44
C VAL D 21 20.41 3.15 5.95
N LYS D 22 21.00 3.99 5.09
CA LYS D 22 22.18 4.76 5.43
C LYS D 22 21.66 6.15 5.71
N MET D 23 21.72 6.53 6.98
CA MET D 23 21.23 7.83 7.43
C MET D 23 22.38 8.82 7.54
N ALA D 24 22.13 10.08 7.18
CA ALA D 24 23.13 11.12 7.25
C ALA D 24 23.79 11.17 8.64
N LYS D 25 25.13 11.19 8.64
CA LYS D 25 25.91 11.22 9.89
C LYS D 25 26.68 12.54 10.01
N ASP D 26 26.78 13.05 11.24
CA ASP D 26 27.46 14.30 11.53
C ASP D 26 26.86 15.45 10.76
N ARG D 27 25.53 15.43 10.68
CA ARG D 27 24.77 16.49 10.02
C ARG D 27 23.85 17.06 11.09
N ARG D 28 24.43 17.40 12.24
CA ARG D 28 23.69 17.98 13.35
C ARG D 28 22.54 17.12 13.90
N ASN D 29 22.85 15.87 14.26
CA ASN D 29 21.89 14.94 14.85
C ASN D 29 20.64 14.77 13.98
N HIS D 30 20.85 14.54 12.69
CA HIS D 30 19.77 14.40 11.73
C HIS D 30 18.72 13.34 12.12
N CYS D 31 17.45 13.75 12.14
CA CYS D 31 16.32 12.88 12.52
C CYS D 31 16.40 12.38 13.97
N GLY D 32 17.16 13.09 14.79
CA GLY D 32 17.26 12.74 16.19
C GLY D 32 17.90 11.40 16.48
N ILE D 33 18.75 10.91 15.58
CA ILE D 33 19.44 9.62 15.74
C ILE D 33 20.23 9.45 17.06
N ALA D 34 20.74 10.55 17.63
CA ALA D 34 21.51 10.42 18.87
C ALA D 34 20.78 10.95 20.09
N SER D 35 19.49 11.28 19.92
CA SER D 35 18.65 11.82 21.01
C SER D 35 18.12 10.83 22.01
N ALA D 36 18.06 9.55 21.65
CA ALA D 36 17.56 8.52 22.58
C ALA D 36 18.21 7.17 22.30
N ALA D 37 19.53 7.18 22.38
CA ALA D 37 20.33 6.00 22.13
C ALA D 37 20.62 5.33 23.47
N SER D 38 20.55 4.01 23.50
CA SER D 38 20.82 3.23 24.71
C SER D 38 21.16 1.80 24.33
N TYR D 39 21.67 1.03 25.29
CA TYR D 39 22.02 -0.37 25.05
C TYR D 39 21.92 -1.12 26.39
N PRO D 40 21.68 -2.44 26.35
CA PRO D 40 21.56 -3.20 27.59
C PRO D 40 22.92 -3.71 28.06
N THR D 41 23.05 -3.95 29.36
CA THR D 41 24.31 -4.49 29.89
C THR D 41 24.00 -5.96 30.21
N VAL D 42 24.92 -6.85 29.86
CA VAL D 42 24.70 -8.26 30.11
C VAL D 42 25.84 -8.89 30.93
N LEU E 1 2.82 -5.19 -43.20
CA LEU E 1 2.08 -4.68 -41.99
C LEU E 1 2.91 -3.52 -41.44
N THR E 2 2.25 -2.40 -41.16
CA THR E 2 2.94 -1.22 -40.61
C THR E 2 3.23 -1.42 -39.14
N LYS E 3 4.09 -0.56 -38.58
CA LYS E 3 4.45 -0.62 -37.16
C LYS E 3 3.19 -0.63 -36.28
N CYS E 4 2.26 0.27 -36.58
CA CYS E 4 1.00 0.40 -35.84
C CYS E 4 0.17 -0.89 -35.95
N GLN E 5 0.06 -1.43 -37.16
CA GLN E 5 -0.71 -2.63 -37.41
C GLN E 5 -0.16 -3.87 -36.70
N GLU E 6 1.17 -3.99 -36.64
CA GLU E 6 1.78 -5.14 -35.97
C GLU E 6 1.53 -5.05 -34.48
N GLU E 7 1.55 -3.85 -33.93
CA GLU E 7 1.31 -3.67 -32.50
C GLU E 7 -0.13 -4.05 -32.15
N VAL E 8 -1.09 -3.55 -32.93
CA VAL E 8 -2.49 -3.86 -32.72
C VAL E 8 -2.76 -5.36 -32.74
N SER E 9 -2.12 -6.02 -33.70
CA SER E 9 -2.27 -7.44 -33.92
C SER E 9 -1.76 -8.34 -32.80
N HIS E 10 -1.05 -7.77 -31.84
CA HIS E 10 -0.51 -8.54 -30.72
C HIS E 10 -1.37 -8.49 -29.46
N ILE E 11 -2.37 -7.61 -29.44
CA ILE E 11 -3.25 -7.45 -28.29
C ILE E 11 -4.61 -8.02 -28.64
N PRO E 12 -5.20 -8.80 -27.75
CA PRO E 12 -6.52 -9.39 -28.04
C PRO E 12 -7.65 -8.34 -27.98
N ALA E 13 -8.83 -8.73 -28.47
CA ALA E 13 -10.02 -7.89 -28.48
C ALA E 13 -10.43 -7.43 -27.07
N VAL E 14 -10.45 -8.37 -26.12
CA VAL E 14 -10.77 -8.06 -24.73
C VAL E 14 -9.42 -7.94 -23.99
N HIS E 15 -9.02 -6.69 -23.71
CA HIS E 15 -7.74 -6.42 -23.07
C HIS E 15 -7.77 -5.36 -21.98
N PRO E 16 -8.51 -5.59 -20.88
CA PRO E 16 -8.52 -4.55 -19.85
C PRO E 16 -7.12 -4.29 -19.25
N GLY E 17 -6.69 -3.02 -19.27
CA GLY E 17 -5.40 -2.69 -18.70
C GLY E 17 -4.20 -2.62 -19.63
N SER E 18 -4.35 -3.09 -20.89
CA SER E 18 -3.27 -3.05 -21.88
C SER E 18 -3.56 -1.92 -22.84
N PHE E 19 -2.52 -1.21 -23.27
CA PHE E 19 -2.69 -0.16 -24.25
C PHE E 19 -2.59 -0.83 -25.62
N ARG E 20 -3.48 -0.45 -26.51
CA ARG E 20 -3.44 -0.98 -27.86
C ARG E 20 -3.62 0.26 -28.71
N PRO E 21 -2.70 0.51 -29.65
CA PRO E 21 -2.83 1.71 -30.49
C PRO E 21 -3.95 1.64 -31.52
N LYS E 22 -4.35 2.80 -32.06
CA LYS E 22 -5.37 2.88 -33.10
C LYS E 22 -4.66 3.32 -34.38
N CYS E 23 -4.93 2.62 -35.48
CA CYS E 23 -4.31 2.95 -36.76
C CYS E 23 -5.39 3.37 -37.76
N ASP E 24 -5.02 4.21 -38.74
CA ASP E 24 -5.96 4.65 -39.77
C ASP E 24 -5.94 3.66 -40.93
N GLU E 25 -6.73 3.92 -41.97
CA GLU E 25 -6.83 3.02 -43.14
C GLU E 25 -5.50 2.71 -43.84
N ASN E 26 -4.56 3.66 -43.74
CA ASN E 26 -3.23 3.56 -44.36
C ASN E 26 -2.18 2.89 -43.46
N GLY E 27 -2.56 2.50 -42.25
CA GLY E 27 -1.62 1.86 -41.33
C GLY E 27 -0.82 2.79 -40.45
N ASN E 28 -1.17 4.07 -40.49
CA ASN E 28 -0.47 5.07 -39.67
C ASN E 28 -1.13 5.16 -38.28
N TYR E 29 -0.39 5.67 -37.29
CA TYR E 29 -0.95 5.87 -35.96
C TYR E 29 -1.87 7.06 -36.12
N LEU E 30 -3.02 7.02 -35.47
CA LEU E 30 -3.87 8.20 -35.51
C LEU E 30 -3.11 9.20 -34.63
N PRO E 31 -3.18 10.52 -34.95
CA PRO E 31 -2.45 11.52 -34.14
C PRO E 31 -2.80 11.44 -32.64
N LEU E 32 -4.07 11.19 -32.32
CA LEU E 32 -4.52 11.10 -30.92
C LEU E 32 -4.59 9.64 -30.50
N GLN E 33 -3.94 9.28 -29.41
CA GLN E 33 -3.94 7.90 -28.90
C GLN E 33 -4.51 7.92 -27.48
N CYS E 34 -5.29 6.91 -27.11
CA CYS E 34 -5.89 6.88 -25.78
C CYS E 34 -5.64 5.54 -25.09
N TYR E 35 -5.37 5.62 -23.79
CA TYR E 35 -5.14 4.45 -22.95
C TYR E 35 -6.38 4.37 -22.04
N GLY E 36 -7.37 3.62 -22.51
CA GLY E 36 -8.63 3.51 -21.84
C GLY E 36 -8.60 3.07 -20.40
N SER E 37 -7.67 2.19 -20.04
CA SER E 37 -7.60 1.68 -18.68
C SER E 37 -7.32 2.74 -17.63
N ILE E 38 -6.40 3.67 -17.92
CA ILE E 38 -6.00 4.69 -16.97
C ILE E 38 -6.66 6.04 -17.21
N GLY E 39 -7.33 6.20 -18.34
CA GLY E 39 -8.03 7.45 -18.61
C GLY E 39 -7.20 8.65 -19.05
N TYR E 40 -6.33 8.45 -20.04
CA TYR E 40 -5.51 9.54 -20.56
C TYR E 40 -5.35 9.37 -22.06
N CYS E 41 -5.31 10.49 -22.78
CA CYS E 41 -5.11 10.50 -24.22
C CYS E 41 -3.94 11.44 -24.46
N TRP E 42 -3.29 11.29 -25.61
CA TRP E 42 -2.17 12.13 -25.99
C TRP E 42 -1.93 12.08 -27.49
N CYS E 43 -1.13 13.03 -27.97
CA CYS E 43 -0.78 13.09 -29.38
C CYS E 43 0.51 12.29 -29.60
N VAL E 44 0.69 11.76 -30.81
CA VAL E 44 1.88 11.02 -31.17
C VAL E 44 2.44 11.53 -32.49
N PHE E 45 3.71 11.23 -32.73
CA PHE E 45 4.36 11.60 -33.98
C PHE E 45 4.07 10.43 -34.92
N PRO E 46 4.43 10.56 -36.20
CA PRO E 46 4.15 9.44 -37.12
C PRO E 46 4.83 8.14 -36.72
N ASN E 47 5.87 8.22 -35.91
CA ASN E 47 6.59 7.02 -35.46
C ASN E 47 6.08 6.43 -34.15
N GLY E 48 4.94 6.93 -33.68
CA GLY E 48 4.37 6.42 -32.43
C GLY E 48 4.84 7.07 -31.16
N THR E 49 5.86 7.90 -31.24
CA THR E 49 6.40 8.59 -30.07
C THR E 49 5.43 9.66 -29.59
N GLU E 50 5.29 9.77 -28.28
CA GLU E 50 4.40 10.75 -27.67
C GLU E 50 4.88 12.19 -27.82
N VAL E 51 3.97 13.11 -28.11
CA VAL E 51 4.31 14.51 -28.23
C VAL E 51 4.39 15.07 -26.81
N PRO E 52 5.50 15.73 -26.45
CA PRO E 52 5.66 16.27 -25.10
C PRO E 52 4.54 17.16 -24.61
N ASN E 53 4.24 17.01 -23.33
CA ASN E 53 3.21 17.78 -22.63
C ASN E 53 1.86 17.70 -23.32
N THR E 54 1.51 16.50 -23.77
CA THR E 54 0.25 16.32 -24.47
C THR E 54 -0.72 15.33 -23.79
N ARG E 55 -0.25 14.68 -22.72
CA ARG E 55 -1.04 13.71 -21.97
C ARG E 55 -2.05 14.42 -21.07
N SER E 56 -3.34 14.15 -21.26
CA SER E 56 -4.34 14.81 -20.43
C SER E 56 -5.69 14.11 -20.49
N ARG E 57 -6.66 14.67 -19.76
CA ARG E 57 -8.04 14.20 -19.72
C ARG E 57 -8.90 15.28 -20.36
N GLY E 58 -8.25 16.21 -21.06
CA GLY E 58 -8.96 17.28 -21.70
C GLY E 58 -9.05 17.06 -23.20
N HIS E 59 -9.34 18.15 -23.92
CA HIS E 59 -9.47 18.11 -25.37
C HIS E 59 -8.12 18.24 -26.03
N HIS E 60 -7.97 17.56 -27.15
CA HIS E 60 -6.71 17.59 -27.85
C HIS E 60 -6.90 18.10 -29.28
N ASN E 61 -5.79 18.55 -29.86
CA ASN E 61 -5.80 19.01 -31.24
C ASN E 61 -4.50 18.54 -31.87
N CYS E 62 -4.38 17.22 -32.01
CA CYS E 62 -3.20 16.60 -32.56
C CYS E 62 -3.18 16.65 -34.08
N SER E 63 -1.99 16.82 -34.63
CA SER E 63 -1.82 16.91 -36.05
C SER E 63 -1.05 15.72 -36.66
N GLU E 64 -1.05 15.65 -37.98
CA GLU E 64 -0.36 14.60 -38.73
C GLU E 64 0.56 15.31 -39.71
N SER E 65 1.13 14.57 -40.65
CA SER E 65 2.02 15.15 -41.64
C SER E 65 1.71 14.64 -43.05
N LEU F 1 -8.43 24.84 22.48
CA LEU F 1 -7.57 23.71 22.05
C LEU F 1 -8.36 22.89 21.04
N THR F 2 -7.79 22.63 19.87
CA THR F 2 -8.50 21.84 18.85
C THR F 2 -8.38 20.36 19.11
N LYS F 3 -9.14 19.57 18.35
CA LYS F 3 -9.11 18.12 18.51
C LYS F 3 -7.69 17.60 18.24
N CYS F 4 -7.06 18.11 17.20
CA CYS F 4 -5.72 17.68 16.80
C CYS F 4 -4.70 18.07 17.87
N GLN F 5 -4.79 19.30 18.36
CA GLN F 5 -3.87 19.80 19.38
C GLN F 5 -4.02 19.02 20.69
N GLU F 6 -5.24 18.58 20.99
CA GLU F 6 -5.47 17.84 22.20
C GLU F 6 -4.89 16.45 22.11
N GLU F 7 -4.95 15.83 20.93
CA GLU F 7 -4.39 14.49 20.79
C GLU F 7 -2.88 14.51 20.93
N VAL F 8 -2.28 15.52 20.34
CA VAL F 8 -0.86 15.67 20.36
C VAL F 8 -0.35 15.87 21.78
N SER F 9 -1.14 16.56 22.59
CA SER F 9 -0.76 16.91 23.96
C SER F 9 -0.51 15.71 24.88
N HIS F 10 -1.03 14.55 24.52
CA HIS F 10 -0.85 13.38 25.36
C HIS F 10 0.25 12.41 24.93
N ILE F 11 1.02 12.80 23.92
CA ILE F 11 2.10 11.97 23.43
C ILE F 11 3.44 12.66 23.65
N PRO F 12 4.38 12.01 24.36
CA PRO F 12 5.70 12.65 24.60
C PRO F 12 6.51 12.77 23.31
N ALA F 13 7.53 13.63 23.33
CA ALA F 13 8.41 13.87 22.18
C ALA F 13 9.06 12.58 21.65
N VAL F 14 9.53 11.73 22.56
CA VAL F 14 10.14 10.47 22.17
C VAL F 14 9.04 9.45 22.38
N HIS F 15 8.45 9.00 21.27
CA HIS F 15 7.34 8.06 21.32
C HIS F 15 7.43 6.97 20.28
N PRO F 16 8.44 6.11 20.35
CA PRO F 16 8.50 5.07 19.33
C PRO F 16 7.30 4.11 19.32
N GLY F 17 6.71 3.94 18.15
CA GLY F 17 5.58 3.04 18.05
C GLY F 17 4.22 3.70 18.20
N SER F 18 4.12 4.90 18.76
CA SER F 18 2.82 5.58 18.92
C SER F 18 2.56 6.56 17.79
N PHE F 19 1.31 6.59 17.31
CA PHE F 19 0.94 7.53 16.28
C PHE F 19 0.59 8.87 16.94
N ARG F 20 1.19 9.96 16.49
CA ARG F 20 0.88 11.26 17.06
C ARG F 20 0.60 12.06 15.82
N PRO F 21 -0.57 12.72 15.75
CA PRO F 21 -0.88 13.51 14.56
C PRO F 21 -0.09 14.81 14.44
N LYS F 22 -0.07 15.37 13.23
CA LYS F 22 0.60 16.63 12.97
C LYS F 22 -0.50 17.66 12.71
N CYS F 23 -0.47 18.75 13.46
CA CYS F 23 -1.43 19.83 13.32
C CYS F 23 -0.73 21.02 12.70
N ASP F 24 -1.46 21.85 11.96
CA ASP F 24 -0.84 23.02 11.36
C ASP F 24 -0.93 24.18 12.33
N GLU F 25 -0.62 25.38 11.86
CA GLU F 25 -0.67 26.60 12.69
C GLU F 25 -2.08 26.95 13.22
N ASN F 26 -3.11 26.49 12.52
CA ASN F 26 -4.50 26.79 12.91
C ASN F 26 -5.16 25.69 13.77
N GLY F 27 -4.39 24.66 14.12
CA GLY F 27 -4.92 23.57 14.93
C GLY F 27 -5.57 22.46 14.11
N ASN F 28 -5.56 22.60 12.80
CA ASN F 28 -6.16 21.54 11.98
C ASN F 28 -5.23 20.35 11.84
N TYR F 29 -5.80 19.19 11.54
CA TYR F 29 -4.98 18.05 11.22
C TYR F 29 -4.46 18.36 9.81
N LEU F 30 -3.18 18.14 9.55
CA LEU F 30 -2.68 18.34 8.17
C LEU F 30 -3.39 17.25 7.35
N PRO F 31 -3.70 17.51 6.07
CA PRO F 31 -4.37 16.53 5.21
C PRO F 31 -3.63 15.21 5.15
N LEU F 32 -2.29 15.27 5.14
CA LEU F 32 -1.44 14.07 5.09
C LEU F 32 -0.90 13.75 6.48
N GLN F 33 -1.12 12.52 6.93
CA GLN F 33 -0.63 12.07 8.23
C GLN F 33 0.27 10.83 8.04
N CYS F 34 1.36 10.73 8.80
CA CYS F 34 2.24 9.57 8.67
C CYS F 34 2.44 8.88 9.99
N TYR F 35 2.43 7.56 9.97
CA TYR F 35 2.63 6.79 11.17
C TYR F 35 4.07 6.21 11.04
N GLY F 36 5.05 6.95 11.55
CA GLY F 36 6.46 6.57 11.41
C GLY F 36 6.86 5.17 11.86
N SER F 37 6.27 4.69 12.95
CA SER F 37 6.60 3.37 13.41
C SER F 37 6.36 2.24 12.40
N ILE F 38 5.22 2.27 11.72
CA ILE F 38 4.86 1.19 10.77
C ILE F 38 5.18 1.49 9.32
N GLY F 39 5.55 2.74 9.03
CA GLY F 39 5.89 3.12 7.67
C GLY F 39 4.76 3.32 6.70
N TYR F 40 3.71 4.02 7.12
CA TYR F 40 2.59 4.30 6.22
C TYR F 40 2.07 5.70 6.45
N CYS F 41 1.68 6.34 5.35
CA CYS F 41 1.11 7.68 5.37
C CYS F 41 -0.28 7.58 4.72
N TRP F 42 -1.17 8.50 5.05
CA TRP F 42 -2.53 8.48 4.51
C TRP F 42 -3.14 9.88 4.61
N CYS F 43 -4.31 10.06 4.00
CA CYS F 43 -5.01 11.35 4.05
C CYS F 43 -6.05 11.26 5.14
N VAL F 44 -6.40 12.40 5.73
CA VAL F 44 -7.44 12.43 6.77
C VAL F 44 -8.46 13.53 6.47
N PHE F 45 -9.67 13.35 6.98
CA PHE F 45 -10.72 14.35 6.82
C PHE F 45 -10.40 15.42 7.87
N PRO F 46 -11.18 16.52 7.88
CA PRO F 46 -10.90 17.58 8.88
C PRO F 46 -11.04 17.11 10.32
N ASN F 47 -11.81 16.06 10.56
CA ASN F 47 -12.02 15.53 11.90
C ASN F 47 -10.96 14.51 12.32
N GLY F 48 -9.98 14.27 11.44
CA GLY F 48 -8.93 13.32 11.75
C GLY F 48 -9.15 11.91 11.25
N THR F 49 -10.35 11.61 10.75
CA THR F 49 -10.66 10.27 10.24
C THR F 49 -9.87 9.99 8.95
N GLU F 50 -9.32 8.78 8.85
CA GLU F 50 -8.57 8.35 7.68
C GLU F 50 -9.47 8.25 6.46
N VAL F 51 -9.03 8.82 5.34
CA VAL F 51 -9.78 8.80 4.08
C VAL F 51 -9.55 7.38 3.55
N PRO F 52 -10.63 6.65 3.21
CA PRO F 52 -10.57 5.26 2.68
C PRO F 52 -9.68 5.12 1.45
N ASN F 53 -8.98 3.99 1.37
CA ASN F 53 -8.09 3.63 0.26
C ASN F 53 -7.06 4.72 -0.03
N THR F 54 -6.41 5.17 1.03
CA THR F 54 -5.43 6.21 0.90
C THR F 54 -4.09 5.85 1.57
N ARG F 55 -4.10 4.78 2.38
CA ARG F 55 -2.91 4.28 3.07
C ARG F 55 -1.91 3.74 2.02
N SER F 56 -0.68 4.26 2.01
CA SER F 56 0.33 3.77 1.07
C SER F 56 1.76 4.21 1.43
N ARG F 57 2.74 3.65 0.71
CA ARG F 57 4.14 4.01 0.91
C ARG F 57 4.57 4.83 -0.29
N GLY F 58 3.57 5.38 -0.99
CA GLY F 58 3.83 6.19 -2.17
C GLY F 58 3.58 7.66 -1.92
N HIS F 59 3.54 8.44 -3.00
CA HIS F 59 3.29 9.87 -2.88
C HIS F 59 1.79 10.13 -2.79
N HIS F 60 1.40 11.02 -1.89
CA HIS F 60 0.00 11.34 -1.68
C HIS F 60 -0.40 12.71 -2.20
N ASN F 61 -1.67 12.85 -2.54
CA ASN F 61 -2.19 14.12 -2.98
C ASN F 61 -3.43 14.41 -2.16
N CYS F 62 -3.20 14.65 -0.87
CA CYS F 62 -4.29 14.89 0.06
C CYS F 62 -4.86 16.29 -0.03
N SER F 63 -6.19 16.35 0.00
CA SER F 63 -6.90 17.63 -0.09
C SER F 63 -7.23 18.21 1.29
N GLU F 64 -7.47 19.53 1.33
CA GLU F 64 -7.82 20.23 2.58
C GLU F 64 -9.32 20.50 2.64
N SER F 65 -9.72 21.50 3.43
CA SER F 65 -11.14 21.88 3.56
C SER F 65 -11.29 23.39 3.79
C1 NAG G . 10.06 10.19 -33.87
C2 NAG G . 11.49 9.99 -33.37
C3 NAG G . 11.97 11.24 -32.66
C4 NAG G . 11.81 12.45 -33.55
C5 NAG G . 10.37 12.55 -34.06
C6 NAG G . 10.19 13.68 -35.06
C7 NAG G . 12.03 7.68 -32.93
C8 NAG G . 12.07 6.53 -31.95
N2 NAG G . 11.58 8.85 -32.48
O3 NAG G . 13.33 11.10 -32.29
O4 NAG G . 12.13 13.64 -32.80
O5 NAG G . 9.99 11.33 -34.72
O6 NAG G . 11.16 13.64 -36.10
O7 NAG G . 12.38 7.49 -34.11
C1 NAG H . -15.37 12.51 9.97
C2 NAG H . -16.50 11.62 10.49
C3 NAG H . -16.97 10.66 9.39
C4 NAG H . -17.32 11.44 8.13
C5 NAG H . -16.11 12.27 7.71
C6 NAG H . -16.35 13.07 6.45
C7 NAG H . -16.58 11.02 12.83
C8 NAG H . -16.02 10.18 13.96
N2 NAG H . -16.02 10.85 11.63
O3 NAG H . -18.12 9.94 9.84
O4 NAG H . -17.69 10.52 7.09
O5 NAG H . -15.79 13.18 8.76
O6 NAG H . -17.35 14.06 6.63
O7 NAG H . -17.49 11.83 13.05
#